data_5BYB
#
_entry.id   5BYB
#
_cell.length_a   88.807
_cell.length_b   110.411
_cell.length_c   41.423
_cell.angle_alpha   90.00
_cell.angle_beta   90.00
_cell.angle_gamma   90.00
#
_symmetry.space_group_name_H-M   'P 21 21 21'
#
loop_
_entity.id
_entity.type
_entity.pdbx_description
1 polymer 'Inositol hexakisphosphate and diphosphoinositol-pentakisphosphate kinase 2'
2 non-polymer "ADENOSINE-5'-DIPHOSPHATE"
3 non-polymer '{[(1R,3S,4S,5R,6S)-2,4,5,6-tetrakis(phosphonooxy)cyclohexane-1,3-diyl]bis[oxy(2-oxoethane-2,1-diyl)]}bis(phosphonic acid)'
4 non-polymer 'MAGNESIUM ION'
5 non-polymer 'ACETATE ION'
6 non-polymer 1,2-ETHANEDIOL
7 water water
#
_entity_poly.entity_id   1
_entity_poly.type   'polypeptide(L)'
_entity_poly.pdbx_seq_one_letter_code
;GSFTERQIVVGICSMAKKSKSKPMKEILERISLFKYITVVVFEEEVILNEPVENWPLCDCLISFHSKGFPLDKAVAYAKL
RNPFVINDLNMQYLIQDRREVYSILQAEGILLPRYAILNRDPNNPKECNLIEGEDHVEVNGEVFQKPFVEKPVSAEDHNV
YIYYPTSAGGGSQRLFRKIGSRSSVYSPESNVRKTGSYIYEEFMPTDGTDVKVYTVGPDYAHAEARKSPALDGKVERDSE
GKEVRYPVILNAREKLIAWKVCLAFKQTVCGFDLLRANGQSYVCDVNGFSFVKNSMKYYDDCAKILGNIVMRELAPQFHI
PWSIPLEAED
;
_entity_poly.pdbx_strand_id   A
#
loop_
_chem_comp.id
_chem_comp.type
_chem_comp.name
_chem_comp.formula
4WY non-polymer '{[(1R,3S,4S,5R,6S)-2,4,5,6-tetrakis(phosphonooxy)cyclohexane-1,3-diyl]bis[oxy(2-oxoethane-2,1-diyl)]}bis(phosphonic acid)' 'C10 H22 O26 P6'
ACT non-polymer 'ACETATE ION' 'C2 H3 O2 -1'
ADP non-polymer ADENOSINE-5'-DIPHOSPHATE 'C10 H15 N5 O10 P2'
EDO non-polymer 1,2-ETHANEDIOL 'C2 H6 O2'
MG non-polymer 'MAGNESIUM ION' 'Mg 2'
#
# COMPACT_ATOMS: atom_id res chain seq x y z
N GLN A 7 7.13 -31.92 -4.91
CA GLN A 7 6.59 -30.60 -5.35
C GLN A 7 6.75 -29.58 -4.24
N ILE A 8 7.14 -28.36 -4.60
CA ILE A 8 7.18 -27.29 -3.63
C ILE A 8 5.77 -26.71 -3.58
N VAL A 9 5.22 -26.54 -2.38
CA VAL A 9 3.85 -26.06 -2.26
C VAL A 9 3.87 -24.58 -1.93
N VAL A 10 3.24 -23.78 -2.78
CA VAL A 10 3.07 -22.35 -2.53
C VAL A 10 1.65 -22.14 -2.01
N GLY A 11 1.56 -21.70 -0.77
CA GLY A 11 0.26 -21.42 -0.16
C GLY A 11 -0.12 -19.96 -0.37
N ILE A 12 -1.38 -19.75 -0.75
CA ILE A 12 -1.95 -18.41 -0.92
C ILE A 12 -3.02 -18.19 0.15
N CYS A 13 -2.78 -17.23 1.05
CA CYS A 13 -3.67 -17.00 2.21
C CYS A 13 -4.09 -15.54 2.30
N SER A 14 -5.30 -15.25 1.81
CA SER A 14 -5.88 -13.89 1.86
C SER A 14 -7.37 -14.06 1.72
N MET A 15 -8.14 -12.97 1.86
CA MET A 15 -9.60 -13.04 1.72
C MET A 15 -9.97 -13.44 0.29
N ALA A 16 -11.14 -14.07 0.12
CA ALA A 16 -11.57 -14.59 -1.21
C ALA A 16 -11.61 -13.53 -2.32
N LYS A 17 -12.04 -12.33 -1.91
CA LYS A 17 -11.99 -11.11 -2.73
C LYS A 17 -10.63 -10.98 -3.44
N LYS A 18 -9.57 -11.22 -2.69
CA LYS A 18 -8.20 -11.07 -3.19
C LYS A 18 -7.73 -12.36 -3.91
N SER A 19 -7.95 -13.51 -3.27
CA SER A 19 -7.54 -14.80 -3.81
C SER A 19 -8.17 -15.12 -5.16
N LYS A 20 -9.36 -14.56 -5.43
CA LYS A 20 -10.08 -14.88 -6.66
C LYS A 20 -10.18 -13.71 -7.59
N SER A 21 -9.53 -12.60 -7.24
CA SER A 21 -9.48 -11.47 -8.15
C SER A 21 -8.76 -11.91 -9.41
N LYS A 22 -9.03 -11.21 -10.50
CA LYS A 22 -8.44 -11.54 -11.77
C LYS A 22 -6.90 -11.48 -11.74
N PRO A 23 -6.31 -10.38 -11.21
CA PRO A 23 -4.85 -10.33 -11.16
C PRO A 23 -4.28 -11.55 -10.45
N MET A 24 -4.85 -11.91 -9.30
CA MET A 24 -4.36 -13.10 -8.59
C MET A 24 -4.49 -14.32 -9.51
N LYS A 25 -5.66 -14.52 -10.12
CA LYS A 25 -5.87 -15.74 -10.92
C LYS A 25 -4.88 -15.83 -12.07
N GLU A 26 -4.65 -14.70 -12.74
CA GLU A 26 -3.70 -14.61 -13.83
C GLU A 26 -2.28 -14.99 -13.38
N ILE A 27 -1.90 -14.57 -12.18
CA ILE A 27 -0.56 -14.84 -11.67
C ILE A 27 -0.39 -16.28 -11.18
N LEU A 28 -1.34 -16.77 -10.39
CA LEU A 28 -1.27 -18.14 -9.90
C LEU A 28 -1.23 -19.15 -11.04
N GLU A 29 -1.96 -18.88 -12.10
CA GLU A 29 -1.97 -19.79 -13.24
C GLU A 29 -0.58 -19.87 -13.90
N ARG A 30 0.16 -18.75 -13.89
CA ARG A 30 1.50 -18.74 -14.47
C ARG A 30 2.54 -19.35 -13.51
N ILE A 31 2.40 -19.05 -12.22
CA ILE A 31 3.28 -19.66 -11.19
C ILE A 31 3.15 -21.20 -11.26
N SER A 32 1.93 -21.68 -11.45
CA SER A 32 1.65 -23.11 -11.62
C SER A 32 2.40 -23.78 -12.78
N LEU A 33 2.78 -23.01 -13.81
CA LEU A 33 3.57 -23.56 -14.91
C LEU A 33 4.99 -23.96 -14.50
N PHE A 34 5.41 -23.54 -13.31
CA PHE A 34 6.65 -24.07 -12.74
C PHE A 34 6.45 -25.58 -12.45
N LYS A 35 7.35 -26.37 -13.04
CA LYS A 35 7.27 -27.82 -12.98
C LYS A 35 7.32 -28.37 -11.55
N TYR A 36 8.08 -27.73 -10.66
CA TYR A 36 8.18 -28.26 -9.32
C TYR A 36 7.32 -27.55 -8.31
N ILE A 37 6.45 -26.66 -8.81
CA ILE A 37 5.60 -25.88 -7.92
C ILE A 37 4.15 -26.30 -8.02
N THR A 38 3.52 -26.51 -6.86
CA THR A 38 2.06 -26.63 -6.76
C THR A 38 1.53 -25.48 -5.90
N VAL A 39 0.45 -24.87 -6.37
CA VAL A 39 -0.15 -23.72 -5.73
C VAL A 39 -1.38 -24.20 -4.99
N VAL A 40 -1.49 -23.86 -3.71
CA VAL A 40 -2.70 -24.14 -2.93
C VAL A 40 -3.32 -22.81 -2.42
N VAL A 41 -4.56 -22.55 -2.80
CA VAL A 41 -5.25 -21.33 -2.39
C VAL A 41 -6.15 -21.65 -1.20
N PHE A 42 -5.84 -21.10 -0.03
CA PHE A 42 -6.61 -21.42 1.15
C PHE A 42 -8.03 -20.88 0.97
N GLU A 43 -9.03 -21.69 1.34
CA GLU A 43 -10.43 -21.24 1.23
C GLU A 43 -10.68 -20.19 2.28
N GLU A 44 -11.45 -19.17 1.94
CA GLU A 44 -11.79 -18.13 2.93
C GLU A 44 -12.47 -18.74 4.18
N GLU A 45 -13.32 -19.75 3.95
CA GLU A 45 -14.08 -20.36 5.02
C GLU A 45 -13.11 -20.98 6.06
N VAL A 46 -12.07 -21.67 5.57
CA VAL A 46 -11.02 -22.26 6.40
C VAL A 46 -10.21 -21.20 7.13
N ILE A 47 -9.87 -20.13 6.42
CA ILE A 47 -9.10 -19.02 7.01
C ILE A 47 -9.82 -18.39 8.23
N LEU A 48 -11.09 -18.06 8.03
CA LEU A 48 -11.88 -17.43 9.08
C LEU A 48 -12.32 -18.39 10.17
N ASN A 49 -12.74 -19.61 9.82
CA ASN A 49 -13.43 -20.50 10.76
C ASN A 49 -12.69 -21.71 11.28
N GLU A 50 -11.55 -22.07 10.70
CA GLU A 50 -10.82 -23.23 11.17
C GLU A 50 -9.60 -22.79 11.96
N PRO A 51 -9.26 -23.52 13.04
CA PRO A 51 -8.01 -23.17 13.71
C PRO A 51 -6.85 -23.39 12.76
N VAL A 52 -5.74 -22.67 12.98
CA VAL A 52 -4.57 -22.73 12.06
C VAL A 52 -4.02 -24.16 11.93
N GLU A 53 -4.21 -24.98 12.98
CA GLU A 53 -3.75 -26.37 12.97
CA GLU A 53 -3.74 -26.36 12.97
C GLU A 53 -4.34 -27.16 11.80
N ASN A 54 -5.53 -26.77 11.34
CA ASN A 54 -6.18 -27.45 10.21
C ASN A 54 -5.97 -26.86 8.80
N TRP A 55 -5.26 -25.73 8.74
CA TRP A 55 -4.96 -25.06 7.46
C TRP A 55 -4.03 -25.94 6.60
N PRO A 56 -4.11 -25.83 5.25
CA PRO A 56 -3.19 -26.63 4.42
C PRO A 56 -1.72 -26.38 4.75
N LEU A 57 -0.88 -27.38 4.53
CA LEU A 57 0.57 -27.20 4.59
C LEU A 57 1.05 -26.44 3.34
N CYS A 58 2.11 -25.64 3.49
CA CYS A 58 2.82 -25.08 2.35
C CYS A 58 4.29 -24.90 2.71
N ASP A 59 5.14 -24.81 1.69
CA ASP A 59 6.56 -24.60 1.96
C ASP A 59 6.87 -23.13 1.83
N CYS A 60 6.07 -22.46 1.01
CA CYS A 60 6.19 -21.03 0.81
C CYS A 60 4.81 -20.42 1.04
N LEU A 61 4.76 -19.40 1.89
CA LEU A 61 3.50 -18.69 2.17
C LEU A 61 3.45 -17.29 1.55
N ILE A 62 2.47 -17.08 0.68
CA ILE A 62 2.10 -15.75 0.19
C ILE A 62 0.80 -15.34 0.86
N SER A 63 0.87 -14.37 1.77
CA SER A 63 -0.30 -14.00 2.60
C SER A 63 -0.30 -12.52 2.96
N PHE A 64 -1.47 -11.90 2.92
CA PHE A 64 -1.56 -10.48 3.17
C PHE A 64 -2.90 -10.08 3.70
N HIS A 65 -2.86 -9.06 4.55
CA HIS A 65 -4.02 -8.53 5.19
C HIS A 65 -4.73 -7.54 4.27
N SER A 66 -6.07 -7.67 4.24
CA SER A 66 -7.01 -6.69 3.74
C SER A 66 -8.22 -6.78 4.68
N LYS A 67 -9.22 -5.94 4.49
CA LYS A 67 -10.30 -5.83 5.48
C LYS A 67 -10.98 -7.16 5.76
N GLY A 68 -11.11 -7.49 7.05
CA GLY A 68 -11.73 -8.76 7.45
C GLY A 68 -10.76 -9.91 7.67
N PHE A 69 -9.53 -9.78 7.20
CA PHE A 69 -8.54 -10.83 7.34
C PHE A 69 -8.01 -10.98 8.76
N PRO A 70 -8.01 -12.21 9.28
CA PRO A 70 -7.45 -12.48 10.60
C PRO A 70 -5.91 -12.62 10.56
N LEU A 71 -5.23 -11.48 10.60
CA LEU A 71 -3.80 -11.46 10.58
C LEU A 71 -3.17 -12.25 11.71
N ASP A 72 -3.78 -12.19 12.90
CA ASP A 72 -3.27 -12.91 14.07
C ASP A 72 -3.15 -14.40 13.72
N LYS A 73 -4.13 -14.92 12.99
CA LYS A 73 -4.11 -16.34 12.67
C LYS A 73 -3.04 -16.66 11.63
N ALA A 74 -2.80 -15.72 10.69
CA ALA A 74 -1.76 -15.89 9.67
C ALA A 74 -0.37 -15.94 10.33
N VAL A 75 -0.15 -15.04 11.29
CA VAL A 75 1.08 -15.02 12.08
C VAL A 75 1.25 -16.37 12.80
N ALA A 76 0.22 -16.78 13.53
CA ALA A 76 0.24 -18.04 14.31
C ALA A 76 0.45 -19.23 13.35
N TYR A 77 -0.22 -19.23 12.21
CA TYR A 77 0.06 -20.27 11.21
C TYR A 77 1.55 -20.30 10.80
N ALA A 78 2.13 -19.16 10.43
CA ALA A 78 3.53 -19.11 9.98
C ALA A 78 4.49 -19.57 11.08
N LYS A 79 4.16 -19.23 12.32
CA LYS A 79 4.94 -19.65 13.48
C LYS A 79 4.90 -21.17 13.67
N LEU A 80 3.71 -21.76 13.50
CA LEU A 80 3.51 -23.22 13.56
C LEU A 80 4.24 -24.02 12.46
N ARG A 81 4.26 -23.52 11.23
CA ARG A 81 4.68 -24.32 10.09
C ARG A 81 6.02 -23.90 9.56
N ASN A 82 6.43 -22.68 9.91
CA ASN A 82 7.69 -22.12 9.46
C ASN A 82 7.92 -22.12 7.94
N PRO A 83 6.93 -21.67 7.14
CA PRO A 83 7.18 -21.64 5.71
C PRO A 83 8.12 -20.48 5.37
N PHE A 84 8.66 -20.49 4.14
CA PHE A 84 9.39 -19.35 3.63
C PHE A 84 8.33 -18.29 3.33
N VAL A 85 8.41 -17.14 4.03
CA VAL A 85 7.40 -16.07 3.92
C VAL A 85 7.77 -14.99 2.88
N ILE A 86 6.94 -14.85 1.85
CA ILE A 86 7.20 -13.91 0.77
C ILE A 86 6.95 -12.45 1.21
N ASN A 87 5.82 -12.19 1.85
CA ASN A 87 5.52 -10.88 2.42
C ASN A 87 5.41 -11.03 3.92
N ASP A 88 6.33 -10.39 4.62
CA ASP A 88 6.39 -10.54 6.06
C ASP A 88 5.05 -10.17 6.72
N LEU A 89 4.55 -11.05 7.61
CA LEU A 89 3.24 -10.86 8.27
C LEU A 89 3.17 -9.81 9.37
N ASN A 90 4.18 -9.76 10.25
CA ASN A 90 4.16 -8.75 11.33
C ASN A 90 4.26 -7.30 10.85
N MET A 91 4.97 -7.07 9.75
CA MET A 91 5.11 -5.74 9.17
C MET A 91 3.75 -5.21 8.74
N GLN A 92 2.83 -6.12 8.41
CA GLN A 92 1.46 -5.80 8.01
C GLN A 92 0.56 -5.18 9.09
N TYR A 93 0.89 -5.39 10.37
CA TYR A 93 0.30 -4.59 11.45
C TYR A 93 0.74 -3.14 11.30
N LEU A 94 2.02 -2.93 11.03
CA LEU A 94 2.54 -1.57 10.96
C LEU A 94 2.03 -0.88 9.69
N ILE A 95 1.94 -1.62 8.58
CA ILE A 95 1.47 -1.03 7.31
C ILE A 95 0.05 -0.41 7.44
N GLN A 96 -0.68 -0.86 8.44
CA GLN A 96 -2.04 -0.38 8.67
C GLN A 96 -2.04 0.97 9.39
N ASP A 97 -0.86 1.49 9.72
CA ASP A 97 -0.75 2.67 10.56
C ASP A 97 0.21 3.69 9.93
N ARG A 98 -0.35 4.75 9.36
CA ARG A 98 0.42 5.80 8.66
C ARG A 98 1.60 6.33 9.48
N ARG A 99 1.41 6.45 10.80
CA ARG A 99 2.48 6.84 11.71
C ARG A 99 3.67 5.90 11.65
N GLU A 100 3.40 4.61 11.67
CA GLU A 100 4.46 3.58 11.57
C GLU A 100 5.04 3.56 10.16
N VAL A 101 4.21 3.71 9.14
CA VAL A 101 4.72 3.72 7.76
C VAL A 101 5.73 4.85 7.61
N TYR A 102 5.32 6.05 8.01
CA TYR A 102 6.18 7.22 7.83
C TYR A 102 7.46 7.10 8.64
N SER A 103 7.33 6.52 9.83
CA SER A 103 8.44 6.33 10.73
C SER A 103 9.47 5.43 10.09
N ILE A 104 9.02 4.37 9.40
CA ILE A 104 9.96 3.48 8.69
C ILE A 104 10.64 4.21 7.53
N LEU A 105 9.87 4.96 6.75
CA LEU A 105 10.46 5.72 5.64
C LEU A 105 11.53 6.70 6.13
N GLN A 106 11.27 7.45 7.20
CA GLN A 106 12.31 8.36 7.71
C GLN A 106 13.59 7.60 8.02
N ALA A 107 13.47 6.54 8.82
CA ALA A 107 14.59 5.73 9.24
C ALA A 107 15.36 5.13 8.07
N GLU A 108 14.72 4.95 6.93
CA GLU A 108 15.44 4.40 5.78
C GLU A 108 16.00 5.48 4.92
N GLY A 109 15.86 6.73 5.35
CA GLY A 109 16.39 7.87 4.58
C GLY A 109 15.68 8.13 3.25
N ILE A 110 14.39 7.75 3.16
CA ILE A 110 13.52 7.98 2.00
C ILE A 110 12.81 9.35 2.10
N LEU A 111 12.93 10.18 1.07
CA LEU A 111 12.24 11.46 1.08
C LEU A 111 10.72 11.25 1.23
N LEU A 112 10.11 12.04 2.12
CA LEU A 112 8.64 12.03 2.27
C LEU A 112 8.21 13.46 2.61
N PRO A 113 6.90 13.78 2.54
CA PRO A 113 6.55 15.15 2.91
C PRO A 113 6.94 15.48 4.36
N ARG A 114 7.31 16.73 4.64
CA ARG A 114 7.40 17.14 6.05
C ARG A 114 6.04 16.86 6.72
N TYR A 115 6.05 16.31 7.92
CA TYR A 115 4.77 15.95 8.57
C TYR A 115 4.84 16.07 10.09
N ALA A 116 3.67 16.01 10.73
CA ALA A 116 3.56 16.00 12.19
C ALA A 116 2.28 15.26 12.53
N ILE A 117 2.32 14.54 13.64
CA ILE A 117 1.25 13.68 14.03
C ILE A 117 0.46 14.41 15.09
N LEU A 118 -0.86 14.45 14.94
CA LEU A 118 -1.71 14.91 16.00
C LEU A 118 -2.43 13.73 16.63
N ASN A 119 -1.99 13.30 17.81
CA ASN A 119 -2.71 12.23 18.51
C ASN A 119 -3.76 12.75 19.49
N ARG A 120 -5.01 12.35 19.27
CA ARG A 120 -6.06 12.69 20.19
C ARG A 120 -6.42 11.47 21.03
N ASP A 121 -6.10 11.53 22.32
CA ASP A 121 -6.51 10.49 23.31
C ASP A 121 -8.01 10.52 23.52
N PRO A 122 -8.69 9.38 23.25
CA PRO A 122 -10.16 9.33 23.30
C PRO A 122 -10.76 9.74 24.65
N ASN A 123 -9.99 9.57 25.73
CA ASN A 123 -10.44 9.89 27.10
C ASN A 123 -10.62 11.39 27.38
N ASN A 124 -9.56 12.17 27.15
CA ASN A 124 -9.54 13.60 27.46
C ASN A 124 -10.53 14.44 26.64
N PRO A 125 -11.09 15.51 27.24
CA PRO A 125 -12.06 16.37 26.54
C PRO A 125 -11.50 17.20 25.37
N LYS A 126 -10.47 18.02 25.63
CA LYS A 126 -9.95 18.98 24.63
C LYS A 126 -8.42 19.14 24.66
N GLU A 127 -7.72 18.12 25.18
CA GLU A 127 -6.30 18.24 25.57
C GLU A 127 -5.25 17.94 24.48
N CYS A 128 -5.49 18.41 23.24
CA CYS A 128 -4.58 18.18 22.11
C CYS A 128 -3.62 19.35 21.84
N ASN A 129 -2.56 19.07 21.07
CA ASN A 129 -1.54 20.06 20.73
C ASN A 129 -1.78 20.69 19.36
N LEU A 130 -2.98 21.26 19.16
CA LEU A 130 -3.34 21.82 17.86
C LEU A 130 -3.91 23.22 17.90
N ILE A 131 -3.26 24.11 17.18
CA ILE A 131 -3.71 25.47 17.03
C ILE A 131 -4.01 25.71 15.57
N GLU A 132 -5.16 26.31 15.30
CA GLU A 132 -5.60 26.54 13.96
C GLU A 132 -5.72 28.06 13.66
N GLY A 133 -5.17 28.49 12.52
CA GLY A 133 -5.41 29.82 11.98
C GLY A 133 -6.29 29.68 10.75
N GLU A 134 -6.54 30.78 10.03
CA GLU A 134 -7.27 30.73 8.76
C GLU A 134 -6.48 30.05 7.65
N ASP A 135 -5.17 30.30 7.62
CA ASP A 135 -4.31 29.82 6.56
C ASP A 135 -3.19 28.90 7.00
N HIS A 136 -3.28 28.34 8.21
CA HIS A 136 -2.26 27.38 8.68
C HIS A 136 -2.72 26.64 9.93
N VAL A 137 -2.07 25.51 10.21
CA VAL A 137 -2.19 24.90 11.51
C VAL A 137 -0.81 24.78 12.17
N GLU A 138 -0.82 24.61 13.49
CA GLU A 138 0.37 24.34 14.26
C GLU A 138 0.07 23.07 15.01
N VAL A 139 0.92 22.07 14.77
CA VAL A 139 0.73 20.76 15.35
C VAL A 139 1.97 20.44 16.18
N ASN A 140 1.77 20.31 17.50
CA ASN A 140 2.86 20.29 18.49
C ASN A 140 3.90 21.36 18.14
N GLY A 141 3.44 22.58 17.87
CA GLY A 141 4.35 23.72 17.61
C GLY A 141 4.83 23.86 16.18
N GLU A 142 4.60 22.84 15.37
CA GLU A 142 5.10 22.81 14.01
C GLU A 142 4.08 23.45 13.05
N VAL A 143 4.52 24.46 12.30
CA VAL A 143 3.65 25.23 11.42
C VAL A 143 3.49 24.56 10.05
N PHE A 144 2.24 24.45 9.58
CA PHE A 144 1.95 24.05 8.19
C PHE A 144 1.06 25.10 7.53
N GLN A 145 1.61 25.87 6.59
CA GLN A 145 0.80 26.80 5.79
C GLN A 145 -0.06 26.00 4.83
N LYS A 146 -1.28 26.48 4.55
CA LYS A 146 -2.10 25.86 3.50
C LYS A 146 -1.48 26.20 2.15
N PRO A 147 -1.57 25.29 1.16
CA PRO A 147 -2.20 23.96 1.26
C PRO A 147 -1.42 23.00 2.15
N PHE A 148 -2.13 22.28 3.01
CA PHE A 148 -1.56 21.10 3.69
C PHE A 148 -2.53 19.91 3.55
N VAL A 149 -2.07 18.71 3.93
CA VAL A 149 -2.83 17.46 3.76
C VAL A 149 -3.06 16.84 5.13
N GLU A 150 -4.27 16.36 5.33
CA GLU A 150 -4.68 15.78 6.61
C GLU A 150 -5.12 14.32 6.42
N LYS A 151 -4.34 13.38 6.98
CA LYS A 151 -4.62 11.97 6.80
C LYS A 151 -4.97 11.27 8.11
N PRO A 152 -6.06 10.48 8.13
CA PRO A 152 -6.35 9.58 9.24
C PRO A 152 -5.14 8.71 9.50
N VAL A 153 -4.75 8.59 10.76
CA VAL A 153 -3.65 7.71 11.11
C VAL A 153 -3.93 6.25 10.72
N SER A 154 -5.19 5.86 10.58
CA SER A 154 -5.46 4.51 10.09
C SER A 154 -5.28 4.48 8.57
N ALA A 155 -4.31 3.68 8.10
CA ALA A 155 -4.04 3.56 6.67
C ALA A 155 -5.18 2.93 5.86
N GLU A 156 -6.15 2.34 6.53
CA GLU A 156 -7.27 1.74 5.84
C GLU A 156 -8.40 2.76 5.67
N ASP A 157 -8.22 3.93 6.28
CA ASP A 157 -9.21 5.03 6.22
C ASP A 157 -8.76 5.98 5.12
N HIS A 158 -9.47 6.00 3.99
CA HIS A 158 -9.06 6.80 2.83
C HIS A 158 -9.65 8.22 2.76
N ASN A 159 -10.24 8.67 3.88
CA ASN A 159 -10.79 10.03 3.99
C ASN A 159 -9.69 11.06 4.23
N VAL A 160 -8.89 11.29 3.18
CA VAL A 160 -7.80 12.27 3.18
C VAL A 160 -8.31 13.63 2.72
N TYR A 161 -8.01 14.66 3.51
CA TYR A 161 -8.44 16.03 3.20
C TYR A 161 -7.26 16.91 2.86
N ILE A 162 -7.49 17.77 1.88
CA ILE A 162 -6.58 18.81 1.47
C ILE A 162 -7.25 20.17 1.78
N TYR A 163 -6.54 21.05 2.47
CA TYR A 163 -7.09 22.36 2.84
C TYR A 163 -6.47 23.48 1.97
N TYR A 164 -7.31 24.23 1.25
CA TYR A 164 -6.84 25.30 0.35
C TYR A 164 -6.52 26.61 1.07
N PRO A 165 -5.49 27.32 0.59
CA PRO A 165 -5.23 28.62 1.19
C PRO A 165 -6.34 29.62 0.82
N THR A 166 -6.56 30.60 1.68
CA THR A 166 -7.44 31.73 1.36
C THR A 166 -7.19 32.29 -0.05
N SER A 167 -5.93 32.52 -0.42
CA SER A 167 -5.62 32.96 -1.78
C SER A 167 -6.20 32.10 -2.92
N ALA A 168 -6.51 30.83 -2.65
CA ALA A 168 -7.02 29.96 -3.71
C ALA A 168 -8.50 29.79 -3.53
N GLY A 169 -9.10 30.57 -2.64
CA GLY A 169 -10.52 30.44 -2.37
C GLY A 169 -10.92 29.62 -1.15
N GLY A 170 -9.97 29.27 -0.28
CA GLY A 170 -10.33 28.57 0.96
C GLY A 170 -11.03 27.24 0.75
N GLY A 171 -11.64 26.70 1.80
CA GLY A 171 -12.36 25.43 1.68
C GLY A 171 -11.44 24.21 1.67
N SER A 172 -11.97 23.07 1.26
CA SER A 172 -11.22 21.83 1.35
C SER A 172 -11.57 20.85 0.23
N GLN A 173 -10.66 19.91 -0.02
CA GLN A 173 -10.91 18.80 -0.92
C GLN A 173 -10.94 17.52 -0.09
N ARG A 174 -12.06 16.79 -0.18
CA ARG A 174 -12.25 15.53 0.55
C ARG A 174 -12.13 14.33 -0.40
N LEU A 175 -11.05 13.57 -0.23
CA LEU A 175 -10.82 12.35 -0.98
C LEU A 175 -11.52 11.16 -0.30
N PHE A 176 -11.85 10.17 -1.09
CA PHE A 176 -12.41 8.95 -0.57
C PHE A 176 -12.14 7.82 -1.57
N ARG A 177 -12.31 6.59 -1.11
CA ARG A 177 -12.37 5.43 -1.95
C ARG A 177 -13.34 5.71 -3.10
N LYS A 178 -12.82 5.66 -4.32
CA LYS A 178 -13.56 5.86 -5.57
C LYS A 178 -14.97 5.30 -5.53
N ILE A 179 -15.96 6.13 -5.82
CA ILE A 179 -17.30 5.60 -6.11
C ILE A 179 -17.77 6.10 -7.48
N GLY A 180 -17.69 5.20 -8.45
CA GLY A 180 -18.13 5.45 -9.82
C GLY A 180 -17.27 6.48 -10.52
N SER A 181 -17.89 7.61 -10.85
CA SER A 181 -17.20 8.68 -11.53
C SER A 181 -16.32 9.57 -10.64
N ARG A 182 -16.30 9.37 -9.31
CA ARG A 182 -15.67 10.34 -8.40
C ARG A 182 -14.72 9.80 -7.36
N SER A 183 -13.68 10.58 -7.06
CA SER A 183 -12.67 10.20 -6.08
C SER A 183 -12.48 11.30 -5.04
N SER A 184 -13.06 12.47 -5.28
CA SER A 184 -13.03 13.52 -4.26
C SER A 184 -14.10 14.55 -4.52
N VAL A 185 -14.35 15.39 -3.53
CA VAL A 185 -15.32 16.48 -3.68
C VAL A 185 -14.85 17.76 -2.95
N TYR A 186 -15.19 18.92 -3.50
CA TYR A 186 -14.98 20.19 -2.85
C TYR A 186 -15.90 20.37 -1.67
N SER A 187 -15.36 20.89 -0.58
CA SER A 187 -16.17 21.31 0.54
C SER A 187 -15.82 22.74 0.91
N PRO A 188 -16.82 23.59 1.20
CA PRO A 188 -16.56 24.96 1.64
C PRO A 188 -15.94 25.04 3.01
N GLU A 189 -15.98 23.93 3.75
CA GLU A 189 -15.36 23.85 5.06
C GLU A 189 -13.85 24.12 5.02
N SER A 190 -13.42 25.06 5.84
CA SER A 190 -12.03 25.47 5.90
C SER A 190 -11.28 24.97 7.13
N ASN A 191 -12.02 24.58 8.18
CA ASN A 191 -11.40 24.17 9.44
C ASN A 191 -11.13 22.68 9.48
N VAL A 192 -10.00 22.29 10.08
CA VAL A 192 -9.61 20.91 10.14
C VAL A 192 -10.63 20.06 10.93
N ARG A 193 -10.60 18.74 10.77
CA ARG A 193 -11.52 17.86 11.49
C ARG A 193 -11.24 17.91 12.98
N LYS A 194 -12.26 17.86 13.81
CA LYS A 194 -12.01 18.09 15.25
C LYS A 194 -11.93 16.86 16.15
N THR A 195 -12.39 15.69 15.68
CA THR A 195 -12.19 14.45 16.43
C THR A 195 -11.34 13.45 15.60
N GLY A 196 -10.67 12.52 16.28
CA GLY A 196 -9.79 11.54 15.65
C GLY A 196 -8.33 11.98 15.64
N SER A 197 -7.43 11.05 15.32
CA SER A 197 -6.00 11.36 15.20
C SER A 197 -5.59 11.41 13.73
N TYR A 198 -4.66 12.33 13.40
CA TYR A 198 -4.29 12.64 12.01
C TYR A 198 -2.82 12.96 11.84
N ILE A 199 -2.32 12.69 10.64
CA ILE A 199 -1.05 13.17 10.22
C ILE A 199 -1.30 14.38 9.36
N TYR A 200 -0.54 15.45 9.63
CA TYR A 200 -0.59 16.66 8.83
C TYR A 200 0.70 16.69 8.08
N GLU A 201 0.64 17.11 6.82
CA GLU A 201 1.84 17.22 6.03
C GLU A 201 1.74 18.28 4.96
N GLU A 202 2.91 18.76 4.54
CA GLU A 202 3.00 19.70 3.46
C GLU A 202 2.47 19.11 2.15
N PHE A 203 1.77 19.95 1.39
CA PHE A 203 1.21 19.56 0.11
C PHE A 203 2.35 19.64 -0.91
N MET A 204 2.58 18.53 -1.60
CA MET A 204 3.63 18.48 -2.59
C MET A 204 3.02 18.76 -3.96
N PRO A 205 3.46 19.86 -4.62
CA PRO A 205 2.92 20.24 -5.92
C PRO A 205 3.47 19.31 -6.99
N THR A 206 2.62 18.48 -7.57
CA THR A 206 2.98 17.62 -8.68
C THR A 206 2.32 18.20 -9.92
N ASP A 207 2.48 17.55 -11.08
CA ASP A 207 1.84 18.02 -12.29
C ASP A 207 0.39 17.50 -12.38
N GLY A 208 -0.19 17.09 -11.26
CA GLY A 208 -1.58 16.63 -11.23
C GLY A 208 -1.81 15.13 -11.40
N THR A 209 -0.73 14.36 -11.41
CA THR A 209 -0.79 12.92 -11.38
C THR A 209 -0.01 12.37 -10.16
N ASP A 210 -0.39 11.17 -9.75
CA ASP A 210 0.31 10.39 -8.77
C ASP A 210 1.00 9.31 -9.56
N VAL A 211 2.19 8.94 -9.14
CA VAL A 211 2.89 7.80 -9.69
C VAL A 211 2.70 6.64 -8.68
N LYS A 212 2.16 5.54 -9.19
CA LYS A 212 1.90 4.33 -8.42
C LYS A 212 2.97 3.31 -8.77
N VAL A 213 3.68 2.79 -7.76
CA VAL A 213 4.76 1.83 -7.98
C VAL A 213 4.40 0.47 -7.41
N TYR A 214 4.78 -0.60 -8.13
CA TYR A 214 4.50 -1.98 -7.70
C TYR A 214 5.77 -2.82 -7.85
N THR A 215 6.29 -3.29 -6.71
CA THR A 215 7.51 -4.06 -6.73
C THR A 215 7.20 -5.53 -6.76
N VAL A 216 8.14 -6.31 -7.28
CA VAL A 216 8.07 -7.75 -7.11
C VAL A 216 9.49 -8.10 -6.82
N GLY A 217 9.82 -8.16 -5.54
CA GLY A 217 11.21 -8.23 -5.11
C GLY A 217 11.81 -6.84 -5.28
N PRO A 218 13.00 -6.63 -4.73
CA PRO A 218 13.58 -5.27 -4.69
C PRO A 218 14.16 -4.77 -6.01
N ASP A 219 14.34 -5.65 -6.99
CA ASP A 219 14.94 -5.30 -8.26
C ASP A 219 13.99 -5.21 -9.44
N TYR A 220 12.69 -5.14 -9.18
CA TYR A 220 11.71 -5.07 -10.25
C TYR A 220 10.58 -4.21 -9.75
N ALA A 221 10.23 -3.21 -10.51
CA ALA A 221 9.17 -2.34 -10.07
C ALA A 221 8.53 -1.79 -11.31
N HIS A 222 7.23 -2.05 -11.46
CA HIS A 222 6.43 -1.41 -12.48
C HIS A 222 5.81 -0.13 -11.91
N ALA A 223 5.84 0.94 -12.69
CA ALA A 223 5.19 2.18 -12.28
C ALA A 223 4.17 2.62 -13.33
N GLU A 224 3.15 3.35 -12.91
CA GLU A 224 2.17 3.94 -13.82
C GLU A 224 1.63 5.17 -13.12
N ALA A 225 0.98 6.09 -13.86
CA ALA A 225 0.48 7.33 -13.27
C ALA A 225 -1.01 7.38 -13.41
N ARG A 226 -1.62 8.11 -12.49
CA ARG A 226 -3.06 8.28 -12.50
C ARG A 226 -3.32 9.70 -12.08
N LYS A 227 -4.42 10.25 -12.57
CA LYS A 227 -4.82 11.60 -12.22
C LYS A 227 -4.93 11.72 -10.71
N SER A 228 -4.41 12.81 -10.15
CA SER A 228 -4.55 12.96 -8.73
C SER A 228 -6.03 13.19 -8.37
N PRO A 229 -6.54 12.42 -7.39
CA PRO A 229 -7.92 12.52 -6.89
C PRO A 229 -8.25 13.91 -6.37
N ALA A 230 -7.25 14.61 -5.85
CA ALA A 230 -7.44 15.96 -5.32
C ALA A 230 -7.60 17.04 -6.39
N LEU A 231 -7.21 16.74 -7.63
CA LEU A 231 -7.30 17.74 -8.69
C LEU A 231 -8.71 18.29 -8.81
N ASP A 232 -9.66 17.47 -9.26
CA ASP A 232 -11.08 17.86 -9.23
C ASP A 232 -12.05 16.72 -8.80
N GLY A 233 -11.55 15.50 -8.65
CA GLY A 233 -12.39 14.40 -8.16
C GLY A 233 -13.09 13.58 -9.21
N LYS A 234 -13.07 14.01 -10.47
CA LYS A 234 -13.69 13.26 -11.57
C LYS A 234 -12.76 12.15 -12.06
N VAL A 235 -13.23 10.91 -12.04
CA VAL A 235 -12.40 9.79 -12.49
C VAL A 235 -12.41 9.64 -14.03
N GLU A 236 -11.22 9.68 -14.63
CA GLU A 236 -11.05 9.32 -16.05
C GLU A 236 -11.19 7.81 -16.23
N ARG A 237 -12.18 7.38 -17.02
CA ARG A 237 -12.40 5.96 -17.29
C ARG A 237 -12.22 5.61 -18.77
N ASP A 238 -11.73 4.39 -19.05
CA ASP A 238 -11.52 3.95 -20.43
C ASP A 238 -12.83 3.40 -21.01
N SER A 239 -12.73 2.72 -22.15
CA SER A 239 -13.89 2.05 -22.77
C SER A 239 -14.62 1.11 -21.83
N GLU A 240 -13.86 0.38 -21.02
CA GLU A 240 -14.40 -0.67 -20.15
C GLU A 240 -14.63 -0.23 -18.70
N GLY A 241 -14.64 1.08 -18.44
CA GLY A 241 -14.88 1.60 -17.09
C GLY A 241 -13.75 1.27 -16.12
N LYS A 242 -12.52 1.26 -16.62
CA LYS A 242 -11.31 1.18 -15.79
C LYS A 242 -10.56 2.51 -15.81
N GLU A 243 -10.06 2.91 -14.64
CA GLU A 243 -9.35 4.18 -14.54
C GLU A 243 -8.18 4.28 -15.53
N VAL A 244 -8.15 5.36 -16.31
CA VAL A 244 -7.06 5.66 -17.19
C VAL A 244 -5.72 5.73 -16.44
N ARG A 245 -4.74 4.96 -16.91
CA ARG A 245 -3.40 4.97 -16.39
C ARG A 245 -2.45 5.54 -17.43
N TYR A 246 -1.41 6.22 -16.99
CA TYR A 246 -0.46 6.85 -17.90
C TYR A 246 0.90 6.19 -17.71
N PRO A 247 1.68 6.05 -18.80
CA PRO A 247 2.97 5.34 -18.73
C PRO A 247 3.98 6.08 -17.87
N VAL A 248 4.70 5.34 -17.04
CA VAL A 248 5.81 5.93 -16.30
C VAL A 248 7.04 5.02 -16.47
N ILE A 249 8.22 5.64 -16.48
CA ILE A 249 9.49 4.93 -16.30
C ILE A 249 10.22 5.56 -15.14
N LEU A 250 10.57 4.76 -14.15
CA LEU A 250 11.25 5.26 -12.96
C LEU A 250 12.69 5.71 -13.31
N ASN A 251 13.19 6.78 -12.66
CA ASN A 251 14.58 7.18 -12.82
C ASN A 251 15.40 6.38 -11.82
N ALA A 252 16.71 6.58 -11.81
CA ALA A 252 17.62 5.84 -10.89
C ALA A 252 17.27 6.09 -9.41
N ARG A 253 17.01 7.35 -9.05
CA ARG A 253 16.63 7.61 -7.65
C ARG A 253 15.38 6.78 -7.27
N GLU A 254 14.43 6.71 -8.19
CA GLU A 254 13.14 6.09 -7.88
C GLU A 254 13.24 4.57 -7.81
N LYS A 255 14.07 3.99 -8.67
CA LYS A 255 14.35 2.56 -8.55
C LYS A 255 14.98 2.24 -7.20
N LEU A 256 15.85 3.14 -6.74
CA LEU A 256 16.48 2.92 -5.45
C LEU A 256 15.39 3.03 -4.39
N ILE A 257 14.47 3.96 -4.59
CA ILE A 257 13.35 4.09 -3.65
C ILE A 257 12.54 2.81 -3.57
N ALA A 258 12.22 2.24 -4.72
CA ALA A 258 11.43 0.99 -4.76
C ALA A 258 12.17 -0.12 -4.00
N TRP A 259 13.48 -0.19 -4.21
CA TRP A 259 14.33 -1.20 -3.55
C TRP A 259 14.30 -1.04 -2.03
N LYS A 260 14.48 0.19 -1.56
CA LYS A 260 14.37 0.49 -0.14
C LYS A 260 13.00 0.14 0.44
N VAL A 261 11.92 0.51 -0.24
CA VAL A 261 10.59 0.29 0.31
C VAL A 261 10.35 -1.22 0.43
N CYS A 262 10.59 -1.94 -0.65
CA CYS A 262 10.40 -3.39 -0.64
C CYS A 262 11.17 -4.10 0.51
N LEU A 263 12.45 -3.74 0.70
CA LEU A 263 13.25 -4.31 1.79
C LEU A 263 12.90 -3.78 3.18
N ALA A 264 12.62 -2.49 3.30
CA ALA A 264 12.33 -1.91 4.63
C ALA A 264 11.03 -2.46 5.22
N PHE A 265 10.03 -2.71 4.36
CA PHE A 265 8.75 -3.25 4.86
C PHE A 265 8.65 -4.80 4.72
N LYS A 266 9.71 -5.42 4.19
CA LYS A 266 9.76 -6.86 3.90
C LYS A 266 8.53 -7.35 3.16
N GLN A 267 8.12 -6.60 2.14
CA GLN A 267 7.02 -7.00 1.30
C GLN A 267 7.56 -7.19 -0.11
N THR A 268 7.85 -8.43 -0.47
CA THR A 268 8.33 -8.74 -1.82
C THR A 268 7.42 -8.07 -2.88
N VAL A 269 6.11 -8.25 -2.73
CA VAL A 269 5.12 -7.66 -3.61
C VAL A 269 4.62 -6.42 -2.87
N CYS A 270 4.85 -5.23 -3.39
CA CYS A 270 4.56 -4.03 -2.60
C CYS A 270 4.10 -2.87 -3.42
N GLY A 271 2.98 -2.26 -3.06
CA GLY A 271 2.50 -1.07 -3.69
C GLY A 271 2.86 0.15 -2.85
N PHE A 272 3.33 1.21 -3.51
CA PHE A 272 3.47 2.51 -2.86
C PHE A 272 3.28 3.64 -3.86
N ASP A 273 3.04 4.85 -3.32
CA ASP A 273 2.77 6.03 -4.13
C ASP A 273 3.91 7.04 -4.06
N LEU A 274 4.29 7.58 -5.22
CA LEU A 274 5.28 8.63 -5.31
C LEU A 274 4.64 9.92 -5.77
N LEU A 275 5.18 11.02 -5.27
CA LEU A 275 4.81 12.34 -5.74
C LEU A 275 6.03 12.95 -6.35
N ARG A 276 5.98 13.19 -7.64
CA ARG A 276 7.04 13.88 -8.37
C ARG A 276 6.82 15.38 -8.23
N ALA A 277 7.63 15.99 -7.37
CA ALA A 277 7.46 17.39 -7.01
C ALA A 277 8.83 17.98 -6.73
N ASN A 278 9.02 19.19 -7.26
CA ASN A 278 10.24 19.98 -6.99
C ASN A 278 11.54 19.28 -7.35
N GLY A 279 11.53 18.51 -8.44
CA GLY A 279 12.71 17.81 -8.91
C GLY A 279 13.10 16.59 -8.10
N GLN A 280 12.24 16.19 -7.16
CA GLN A 280 12.45 14.96 -6.40
C GLN A 280 11.19 14.07 -6.43
N SER A 281 11.28 12.92 -5.77
CA SER A 281 10.14 12.05 -5.65
C SER A 281 9.93 11.68 -4.19
N TYR A 282 8.71 11.92 -3.70
CA TYR A 282 8.39 11.72 -2.29
C TYR A 282 7.39 10.57 -2.16
N VAL A 283 7.66 9.70 -1.20
CA VAL A 283 6.75 8.61 -0.87
C VAL A 283 5.70 9.13 0.12
N CYS A 284 4.42 8.94 -0.23
CA CYS A 284 3.28 9.45 0.58
C CYS A 284 2.36 8.34 1.14
N ASP A 285 2.62 7.08 0.74
CA ASP A 285 1.72 5.97 1.05
C ASP A 285 2.44 4.66 0.69
N VAL A 286 2.48 3.70 1.62
CA VAL A 286 2.96 2.34 1.34
C VAL A 286 1.82 1.41 1.71
N ASN A 287 1.36 0.62 0.74
CA ASN A 287 0.15 -0.17 0.94
C ASN A 287 0.40 -1.65 1.07
N GLY A 288 1.65 -2.10 1.00
CA GLY A 288 1.93 -3.52 1.00
C GLY A 288 1.43 -4.27 -0.23
N PHE A 289 1.09 -5.53 -0.04
CA PHE A 289 0.76 -6.42 -1.15
C PHE A 289 -0.24 -5.84 -2.13
N SER A 290 0.20 -5.72 -3.37
CA SER A 290 -0.62 -5.10 -4.38
C SER A 290 -0.11 -5.47 -5.77
N PHE A 291 -1.03 -5.87 -6.64
CA PHE A 291 -0.74 -6.18 -8.04
C PHE A 291 -1.09 -5.03 -8.98
N VAL A 292 -0.32 -4.90 -10.06
CA VAL A 292 -0.74 -4.16 -11.25
C VAL A 292 -1.92 -4.92 -11.91
N LYS A 293 -2.93 -4.19 -12.39
CA LYS A 293 -4.05 -4.78 -13.13
C LYS A 293 -3.98 -4.49 -14.64
N ASN A 294 -4.56 -5.37 -15.45
CA ASN A 294 -4.68 -5.16 -16.92
C ASN A 294 -3.36 -5.00 -17.67
N SER A 295 -2.34 -5.69 -17.20
CA SER A 295 -1.08 -5.68 -17.87
C SER A 295 -0.64 -7.12 -17.90
N MET A 296 -0.72 -7.68 -19.11
CA MET A 296 -0.28 -9.04 -19.40
C MET A 296 1.18 -9.25 -19.06
N LYS A 297 2.00 -8.28 -19.43
CA LYS A 297 3.45 -8.36 -19.22
C LYS A 297 3.79 -8.40 -17.71
N TYR A 298 3.06 -7.62 -16.92
CA TYR A 298 3.22 -7.68 -15.46
C TYR A 298 2.86 -9.09 -14.94
N TYR A 299 1.73 -9.62 -15.40
CA TYR A 299 1.35 -10.99 -15.00
C TYR A 299 2.52 -11.99 -15.25
N ASP A 300 3.13 -11.91 -16.44
CA ASP A 300 4.31 -12.73 -16.81
C ASP A 300 5.54 -12.51 -15.95
N ASP A 301 5.94 -11.25 -15.80
CA ASP A 301 7.09 -10.90 -14.97
C ASP A 301 6.87 -11.33 -13.51
N CYS A 302 5.72 -10.96 -12.96
CA CYS A 302 5.48 -11.20 -11.56
C CYS A 302 5.48 -12.70 -11.20
N ALA A 303 4.76 -13.49 -11.99
CA ALA A 303 4.74 -14.92 -11.80
C ALA A 303 6.16 -15.52 -11.92
N LYS A 304 6.88 -15.13 -12.97
CA LYS A 304 8.24 -15.58 -13.19
C LYS A 304 9.18 -15.24 -12.05
N ILE A 305 9.22 -13.96 -11.64
CA ILE A 305 10.04 -13.56 -10.47
C ILE A 305 9.68 -14.34 -9.21
N LEU A 306 8.40 -14.40 -8.88
CA LEU A 306 7.98 -15.12 -7.68
C LEU A 306 8.38 -16.59 -7.74
N GLY A 307 8.18 -17.23 -8.87
CA GLY A 307 8.58 -18.62 -9.03
C GLY A 307 10.08 -18.79 -8.90
N ASN A 308 10.82 -17.89 -9.51
CA ASN A 308 12.29 -17.90 -9.35
C ASN A 308 12.73 -17.75 -7.90
N ILE A 309 12.06 -16.87 -7.15
CA ILE A 309 12.44 -16.64 -5.76
C ILE A 309 12.21 -17.92 -4.96
N VAL A 310 11.05 -18.52 -5.18
CA VAL A 310 10.68 -19.76 -4.55
C VAL A 310 11.73 -20.84 -4.83
N MET A 311 12.06 -21.01 -6.11
CA MET A 311 13.01 -22.03 -6.57
C MET A 311 14.39 -21.79 -6.00
N ARG A 312 14.88 -20.56 -6.13
CA ARG A 312 16.19 -20.22 -5.57
C ARG A 312 16.21 -20.58 -4.09
N GLU A 313 15.17 -20.18 -3.37
CA GLU A 313 15.14 -20.35 -1.94
C GLU A 313 15.07 -21.82 -1.50
N LEU A 314 14.21 -22.60 -2.17
CA LEU A 314 13.85 -23.91 -1.67
C LEU A 314 14.38 -25.09 -2.46
N ALA A 315 14.82 -24.87 -3.70
CA ALA A 315 15.30 -26.00 -4.52
C ALA A 315 16.39 -26.84 -3.85
N PRO A 316 17.37 -26.19 -3.19
CA PRO A 316 18.41 -27.02 -2.55
C PRO A 316 17.84 -28.07 -1.58
N GLN A 317 17.07 -27.65 -0.56
CA GLN A 317 16.47 -28.58 0.41
C GLN A 317 15.51 -29.60 -0.22
N PHE A 318 14.99 -29.32 -1.40
CA PHE A 318 14.16 -30.28 -2.12
C PHE A 318 14.99 -31.14 -3.08
N HIS A 319 16.30 -30.86 -3.12
CA HIS A 319 17.26 -31.52 -4.00
C HIS A 319 16.89 -31.33 -5.47
N ILE A 320 16.41 -30.14 -5.82
CA ILE A 320 16.05 -29.87 -7.21
C ILE A 320 17.17 -29.07 -7.87
N PRO A 321 17.62 -29.51 -9.07
CA PRO A 321 18.67 -28.69 -9.68
C PRO A 321 18.05 -27.37 -10.12
N TRP A 322 18.71 -26.27 -9.75
CA TRP A 322 18.26 -24.96 -10.15
C TRP A 322 19.46 -24.02 -10.33
N SER A 323 19.49 -23.28 -11.43
CA SER A 323 20.61 -22.37 -11.73
C SER A 323 20.19 -20.97 -12.17
PB ADP B . -4.39 6.54 0.68
O1B ADP B . -3.71 5.62 1.66
O2B ADP B . -5.86 6.79 0.96
O3B ADP B . -4.20 6.29 -0.76
PA ADP B . -2.43 8.63 0.21
O1A ADP B . -1.36 9.00 1.20
O2A ADP B . -2.13 7.77 -1.04
O3A ADP B . -3.63 7.93 1.03
O5' ADP B . -3.24 9.96 -0.22
C5' ADP B . -4.24 9.90 -1.24
C4' ADP B . -3.92 10.90 -2.36
O4' ADP B . -3.79 12.27 -1.91
C3' ADP B . -2.61 10.63 -3.05
O3' ADP B . -2.81 9.66 -4.09
C2' ADP B . -2.23 11.99 -3.63
O2' ADP B . -2.93 12.28 -4.86
C1' ADP B . -2.76 12.97 -2.62
N9 ADP B . -1.72 13.33 -1.63
C8 ADP B . -1.44 12.61 -0.55
N7 ADP B . -0.43 13.17 0.18
C5 ADP B . -0.07 14.28 -0.47
C6 ADP B . 0.91 15.36 -0.24
N6 ADP B . 1.71 15.34 0.84
N1 ADP B . 0.98 16.37 -1.14
C2 ADP B . 0.20 16.42 -2.23
N3 ADP B . -0.71 15.46 -2.49
C4 ADP B . -0.92 14.39 -1.67
O55 4WY C . -11.37 -1.50 -9.58
O55 4WY C . -8.07 -2.31 4.14
PB5 4WY C . -12.74 -1.03 -9.80
PB5 4WY C . -8.10 -2.88 2.79
O65 4WY C . -13.74 -2.02 -10.19
O65 4WY C . -8.89 -4.07 2.51
O75 4WY C . -12.94 0.31 -10.30
O75 4WY C . -6.98 -2.54 1.90
CB5 4WY C . -13.20 -0.88 -8.07
CB5 4WY C . -9.30 -1.85 2.06
CA5 4WY C . -11.97 -0.43 -7.27
CA5 4WY C . -10.15 -1.15 3.10
O25 4WY C . -11.67 0.77 -7.23
O25 4WY C . -9.78 -0.11 3.62
O15 4WY C . -11.26 -1.45 -6.71
O15 4WY C . -11.34 -1.74 3.33
C5A 4WY C . -10.26 -1.07 -5.78
C5A 4WY C . -12.32 -1.31 2.37
C6A 4WY C . -8.89 -1.07 -6.46
C6A 4WY C . -13.47 -0.65 3.18
O16 4WY C . -8.92 -0.15 -7.56
O16 4WY C . -13.07 0.67 3.59
PA6 4WY C . -8.27 -0.31 -9.10
PA6 4WY C . -12.79 0.95 5.11
O26 4WY C . -8.99 -1.49 -9.58
O26 4WY C . -11.39 0.48 5.23
O46 4WY C . -8.64 0.93 -9.79
O46 4WY C . -12.97 2.39 5.27
O36 4WY C . -6.83 -0.53 -8.95
O36 4WY C . -13.79 0.09 5.76
C4A 4WY C . -10.27 -2.09 -4.62
C4A 4WY C . -12.75 -2.53 1.57
O14 4WY C . -11.52 -2.00 -3.94
O14 4WY C . -11.64 -2.95 0.72
PA4 4WY C . -12.45 -3.31 -3.69
PA4 4WY C . -11.34 -4.50 0.30
O34 4WY C . -13.73 -2.63 -3.38
O34 4WY C . -9.90 -4.59 0.57
O24 4WY C . -12.39 -3.96 -5.01
O24 4WY C . -12.15 -5.35 1.17
O44 4WY C . -11.90 -4.04 -2.53
O44 4WY C . -11.70 -4.50 -1.11
C3A 4WY C . -9.20 -1.77 -3.59
C3A 4WY C . -13.98 -2.18 0.74
O13 4WY C . -9.19 -2.80 -2.57
O13 4WY C . -14.43 -3.32 0.03
PA3 4WY C . -9.30 -2.49 -1.02
PA3 4WY C . -15.05 -3.12 -1.40
O23 4WY C . -8.15 -1.59 -0.75
O23 4WY C . -15.65 -1.77 -1.20
O43 4WY C . -10.62 -1.88 -0.92
O43 4WY C . -13.88 -3.15 -2.30
O33 4WY C . -9.18 -3.81 -0.38
O33 4WY C . -16.01 -4.22 -1.57
C2A 4WY C . -7.79 -1.61 -4.23
C2A 4WY C . -15.11 -1.76 1.64
O12 4WY C . -7.28 -2.86 -4.73
O12 4WY C . -15.38 -2.80 2.55
PA2 4WY C . -5.96 -3.59 -4.20
PA2 4WY C . -16.86 -3.32 2.65
O32 4WY C . -6.57 -4.91 -4.29
O32 4WY C . -16.69 -4.51 3.49
O42 4WY C . -4.99 -3.31 -5.25
O42 4WY C . -17.52 -2.18 3.30
O22 4WY C . -5.62 -3.16 -2.85
O22 4WY C . -17.26 -3.59 1.27
C1A 4WY C . -7.84 -0.65 -5.39
C1A 4WY C . -14.76 -0.49 2.41
O11 4WY C . -6.51 -0.70 -5.90
O11 4WY C . -15.79 -0.24 3.38
CA1 4WY C . -6.03 0.54 -6.14
CA1 4WY C . -16.03 1.10 3.50
O21 4WY C . -6.63 1.57 -5.90
O21 4WY C . -15.57 1.96 2.74
CB1 4WY C . -4.63 0.56 -6.75
CB1 4WY C . -16.98 1.46 4.63
PB1 4WY C . -3.54 0.33 -5.50
PB1 4WY C . -18.44 0.66 4.24
O51 4WY C . -3.70 -1.08 -5.10
O51 4WY C . -18.79 0.04 5.54
O61 4WY C . -3.97 1.33 -4.53
O61 4WY C . -18.01 -0.31 3.22
O71 4WY C . -2.26 0.59 -6.14
O71 4WY C . -19.35 1.72 3.79
MG MG D . -2.79 3.80 1.03
MG MG E . -2.55 5.86 -2.04
MG MG F . 3.41 -26.50 -11.35
C ACT G . 6.01 -13.10 10.06
O ACT G . 6.05 -13.49 8.86
OXT ACT G . 5.30 -13.68 10.90
CH3 ACT G . 6.79 -11.92 10.59
C ACT H . 8.10 -21.49 -16.55
O ACT H . 8.64 -21.68 -15.45
OXT ACT H . 7.14 -20.67 -16.62
CH3 ACT H . 8.57 -22.23 -17.77
C ACT I . -20.64 13.62 -10.94
O ACT I . -19.98 12.77 -10.34
OXT ACT I . -20.23 14.79 -11.09
CH3 ACT I . -21.98 13.17 -11.50
C1 EDO J . 11.97 13.49 -10.87
O1 EDO J . 12.73 14.52 -10.24
C2 EDO J . 10.56 14.03 -11.03
O2 EDO J . 10.19 14.68 -9.79
C1 EDO K . 6.91 -3.29 -17.32
O1 EDO K . 7.00 -2.27 -16.27
C2 EDO K . 5.53 -3.94 -17.31
O2 EDO K . 5.35 -4.59 -16.04
C1 EDO L . -5.78 -29.94 3.91
O1 EDO L . -4.65 -29.37 3.24
C2 EDO L . -5.85 -29.36 5.31
O2 EDO L . -6.60 -28.14 5.25
C1 EDO M . -7.09 -10.06 14.05
O1 EDO M . -6.58 -11.38 13.72
C2 EDO M . -6.18 -9.00 13.45
O2 EDO M . -6.49 -8.83 12.05
#